data_2X6Y
#
_entry.id   2X6Y
#
_cell.length_a   74.336
_cell.length_b   74.336
_cell.length_c   174.977
_cell.angle_alpha   90.00
_cell.angle_beta   90.00
_cell.angle_gamma   120.00
#
_symmetry.space_group_name_H-M   'P 3 2 1'
#
loop_
_entity.id
_entity.type
_entity.pdbx_description
1 polymer 'TAIL SPIKE PROTEIN'
2 branched alpha-L-rhamnopyranose-(1-6)-alpha-D-glucopyranose-(1-4)-[2-acetamido-2-deoxy-beta-D-glucopyranose-(1-3)]alpha-D-galactopyranose-(1-3)-[alpha-D-glucopyranose-(1-6)]2-acetamido-2-deoxy-beta-D-glucopyranose
3 non-polymer 'SODIUM ION'
4 non-polymer 2-AMINO-2-HYDROXYMETHYL-PROPANE-1,3-DIOL
5 water water
#
_entity_poly.entity_id   1
_entity_poly.type   'polypeptide(L)'
_entity_poly.pdbx_seq_one_letter_code
;DPDQFRAIIESPEGAGHVGYQYRRNTGSTMRMVSDVLDERVSLWDFHCDPSGNVIQPGPNVDSRQYLQAAIDYVSSNGGG
TITIPAGYTWYLGSYGVGGIAGHSGIIQLRSNVNLNIEGRIHLSPFFDLKPFQVFVGFDNGDPASSGNLENCHIYGHGVV
DFGGYEFGASSQLRNGVAFGRSYNCSVTGITFQNGDVTWAITLGWNGYGSNCYVRKCRFINLVNSSVNAAHSTVYVNCPY
SGVESCYFSMSSSFARNIACSVELHQHDTFYRGSTVNGYCRGAYVVMHAAEAAGAGSYAYNMQVENNIAVIYGQFVILGS
DVTATVSGHLNDVIVSGNIVSIGERAAFSAPFGAFIDIGPDNSGASNVQDIQRVLVTGNSFYAPANITDSAAITLRANLN
GCTFIANNFDCRYMVYNAPGTTSPVVQNLVWDKSNVIGGTHANQRAGQNLFDMQFASVVNSTIEVQLSCEDLSMFSCILF
PASCQLSYSKITVDSAWTKSMSNTAVFEGNQQAGANVYVSYPATVNLTSYNTQGAVPFFSTDTNYAWVTSAYSLSINENL
DFSPPATYTNKANGQLVGVGYNEIGGVRSVSVRLMLQRQV
;
_entity_poly.pdbx_strand_id   A
#
loop_
_chem_comp.id
_chem_comp.type
_chem_comp.name
_chem_comp.formula
GLA D-saccharide, alpha linking alpha-D-galactopyranose 'C6 H12 O6'
GLC D-saccharide, alpha linking alpha-D-glucopyranose 'C6 H12 O6'
NA non-polymer 'SODIUM ION' 'Na 1'
NAG D-saccharide, beta linking 2-acetamido-2-deoxy-beta-D-glucopyranose 'C8 H15 N O6'
RAM L-saccharide, alpha linking alpha-L-rhamnopyranose 'C6 H12 O5'
TRS non-polymer 2-AMINO-2-HYDROXYMETHYL-PROPANE-1,3-DIOL 'C4 H12 N O3 1'
#
# COMPACT_ATOMS: atom_id res chain seq x y z
N GLN A 4 58.68 -19.33 33.31
CA GLN A 4 58.81 -19.11 31.83
C GLN A 4 57.56 -19.59 31.07
N PHE A 5 57.14 -20.82 31.36
CA PHE A 5 55.92 -21.37 30.79
C PHE A 5 54.73 -20.61 31.41
N ARG A 6 54.81 -20.37 32.71
CA ARG A 6 53.73 -19.72 33.46
C ARG A 6 53.43 -18.34 32.89
N ALA A 7 54.49 -17.60 32.56
CA ALA A 7 54.36 -16.30 31.93
C ALA A 7 53.62 -16.39 30.59
N ILE A 8 53.98 -17.37 29.76
CA ILE A 8 53.33 -17.58 28.46
C ILE A 8 51.82 -17.84 28.69
N ILE A 9 51.52 -18.74 29.62
CA ILE A 9 50.14 -19.17 29.84
C ILE A 9 49.25 -18.03 30.31
N GLU A 10 49.80 -17.14 31.14
CA GLU A 10 49.03 -16.01 31.66
C GLU A 10 48.97 -14.82 30.70
N SER A 11 49.82 -14.84 29.68
CA SER A 11 49.84 -13.79 28.68
C SER A 11 48.68 -13.96 27.69
N PRO A 12 48.43 -12.95 26.83
CA PRO A 12 47.38 -13.08 25.81
C PRO A 12 47.60 -14.19 24.78
N GLU A 13 48.81 -14.73 24.68
CA GLU A 13 49.08 -15.91 23.82
C GLU A 13 48.93 -17.26 24.56
N GLY A 14 48.51 -17.23 25.82
CA GLY A 14 48.37 -18.45 26.62
C GLY A 14 47.53 -19.52 25.98
N ALA A 15 46.34 -19.15 25.51
CA ALA A 15 45.41 -20.11 24.90
C ALA A 15 46.02 -20.73 23.64
N GLY A 16 46.93 -20.00 23.00
CA GLY A 16 47.67 -20.50 21.84
C GLY A 16 48.75 -21.51 22.16
N HIS A 17 48.91 -21.85 23.45
CA HIS A 17 49.85 -22.85 23.89
C HIS A 17 49.20 -24.07 24.57
N VAL A 18 47.89 -24.02 24.80
CA VAL A 18 47.16 -25.13 25.40
C VAL A 18 46.54 -26.00 24.32
N GLY A 19 46.97 -27.25 24.26
CA GLY A 19 46.57 -28.12 23.16
C GLY A 19 45.16 -28.63 23.30
N TYR A 20 44.56 -28.95 22.15
CA TYR A 20 43.18 -29.46 22.10
C TYR A 20 43.00 -30.36 20.89
N GLN A 21 42.25 -31.43 21.10
CA GLN A 21 41.84 -32.31 20.03
C GLN A 21 40.40 -32.70 20.30
N TYR A 22 39.55 -32.51 19.31
CA TYR A 22 38.11 -32.68 19.44
C TYR A 22 37.73 -34.04 19.97
N ARG A 23 37.06 -34.00 21.12
CA ARG A 23 36.52 -35.19 21.79
C ARG A 23 37.54 -36.35 21.92
N ARG A 24 38.80 -35.97 22.08
CA ARG A 24 39.90 -36.92 22.17
C ARG A 24 40.00 -37.85 20.97
N ASN A 25 39.46 -37.40 19.84
CA ASN A 25 39.50 -38.18 18.62
C ASN A 25 40.90 -38.12 18.04
N THR A 26 41.59 -39.25 17.96
CA THR A 26 42.97 -39.22 17.47
C THR A 26 43.04 -38.92 15.98
N GLY A 27 41.91 -39.02 15.28
CA GLY A 27 41.83 -38.62 13.88
C GLY A 27 41.56 -37.14 13.67
N SER A 28 41.34 -36.39 14.76
CA SER A 28 41.08 -34.96 14.63
C SER A 28 42.35 -34.10 14.64
N THR A 29 42.19 -32.88 14.16
CA THR A 29 43.25 -31.90 14.15
C THR A 29 43.79 -31.64 15.54
N MET A 30 45.13 -31.61 15.63
CA MET A 30 45.78 -31.18 16.85
C MET A 30 45.86 -29.66 16.82
N ARG A 31 45.02 -29.03 17.62
CA ARG A 31 44.85 -27.58 17.61
C ARG A 31 45.30 -27.02 18.94
N MET A 32 45.21 -25.69 19.06
CA MET A 32 45.34 -25.01 20.35
C MET A 32 43.97 -24.42 20.73
N VAL A 33 43.76 -24.20 22.02
CA VAL A 33 42.49 -23.63 22.50
C VAL A 33 42.16 -22.32 21.77
N SER A 34 43.15 -21.46 21.56
CA SER A 34 42.93 -20.20 20.86
C SER A 34 42.32 -20.40 19.45
N ASP A 35 42.73 -21.46 18.75
CA ASP A 35 42.17 -21.74 17.43
C ASP A 35 40.67 -21.95 17.49
N VAL A 36 40.22 -22.68 18.51
CA VAL A 36 38.78 -22.96 18.63
C VAL A 36 38.03 -21.69 19.03
N LEU A 37 38.59 -20.92 19.97
CA LEU A 37 37.95 -19.69 20.40
C LEU A 37 37.89 -18.68 19.25
N ASP A 38 38.87 -18.75 18.35
CA ASP A 38 38.94 -17.87 17.18
C ASP A 38 37.85 -18.18 16.13
N GLU A 39 37.14 -19.29 16.28
CA GLU A 39 36.03 -19.61 15.38
C GLU A 39 34.80 -18.73 15.59
N ARG A 40 34.75 -18.04 16.72
CA ARG A 40 33.69 -17.11 16.98
C ARG A 40 34.29 -15.77 17.39
N VAL A 41 33.44 -14.76 17.40
CA VAL A 41 33.86 -13.41 17.70
C VAL A 41 32.67 -12.62 18.25
N SER A 42 32.92 -11.78 19.26
CA SER A 42 31.87 -10.95 19.83
C SER A 42 32.39 -9.54 20.04
N LEU A 43 31.47 -8.65 20.37
CA LEU A 43 31.85 -7.30 20.67
C LEU A 43 32.88 -7.25 21.83
N TRP A 44 32.82 -8.21 22.73
CA TRP A 44 33.76 -8.26 23.85
C TRP A 44 35.21 -8.31 23.39
N ASP A 45 35.46 -8.86 22.21
CA ASP A 45 36.82 -8.94 21.66
C ASP A 45 37.40 -7.62 21.18
N PHE A 46 36.58 -6.57 21.16
CA PHE A 46 37.00 -5.26 20.70
C PHE A 46 36.61 -4.13 21.65
N HIS A 47 35.84 -4.44 22.70
CA HIS A 47 35.26 -3.42 23.59
C HIS A 47 36.22 -3.20 24.75
N CYS A 48 37.37 -2.61 24.45
CA CYS A 48 38.46 -2.49 25.41
C CYS A 48 39.16 -1.16 25.29
N ASP A 49 39.88 -0.79 26.34
CA ASP A 49 40.65 0.44 26.37
C ASP A 49 41.99 0.25 25.62
N PRO A 50 42.80 1.30 25.51
CA PRO A 50 44.07 1.19 24.78
C PRO A 50 45.09 0.20 25.35
N SER A 51 44.96 -0.19 26.62
CA SER A 51 45.80 -1.22 27.22
C SER A 51 45.21 -2.61 27.06
N GLY A 52 44.04 -2.71 26.40
CA GLY A 52 43.40 -4.00 26.16
C GLY A 52 42.52 -4.49 27.30
N ASN A 53 42.25 -3.62 28.28
CA ASN A 53 41.34 -3.99 29.37
C ASN A 53 39.89 -3.81 28.94
N VAL A 54 39.07 -4.84 29.18
CA VAL A 54 37.66 -4.79 28.79
C VAL A 54 36.97 -3.59 29.47
N ILE A 55 36.07 -2.95 28.72
CA ILE A 55 35.21 -1.87 29.21
C ILE A 55 33.78 -2.39 29.29
N GLN A 56 33.11 -2.16 30.42
CA GLN A 56 31.71 -2.52 30.57
C GLN A 56 30.85 -1.50 29.80
N PRO A 57 29.89 -1.98 29.00
CA PRO A 57 28.96 -1.06 28.36
C PRO A 57 28.03 -0.42 29.38
N GLY A 58 27.38 0.65 28.97
CA GLY A 58 26.45 1.37 29.83
C GLY A 58 26.16 2.74 29.27
N PRO A 59 25.23 3.47 29.90
CA PRO A 59 24.76 4.75 29.36
C PRO A 59 25.83 5.84 29.30
N ASN A 60 26.91 5.69 30.07
CA ASN A 60 28.04 6.62 30.02
C ASN A 60 29.22 6.15 29.16
N VAL A 61 29.04 5.04 28.45
CA VAL A 61 30.07 4.51 27.56
C VAL A 61 29.57 4.50 26.12
N ASP A 62 30.37 5.07 25.23
CA ASP A 62 30.07 5.08 23.80
C ASP A 62 30.72 3.85 23.16
N SER A 63 29.91 2.88 22.76
CA SER A 63 30.42 1.63 22.21
C SER A 63 30.72 1.68 20.72
N ARG A 64 30.44 2.81 20.06
CA ARG A 64 30.57 2.90 18.61
C ARG A 64 31.93 2.47 18.05
N GLN A 65 33.00 3.03 18.60
CA GLN A 65 34.32 2.78 18.01
C GLN A 65 34.70 1.30 18.10
N TYR A 66 34.23 0.64 19.16
CA TYR A 66 34.58 -0.76 19.42
C TYR A 66 33.83 -1.68 18.45
N LEU A 67 32.56 -1.38 18.20
CA LEU A 67 31.78 -2.15 17.25
C LEU A 67 32.33 -1.94 15.84
N GLN A 68 32.72 -0.72 15.52
CA GLN A 68 33.33 -0.46 14.23
C GLN A 68 34.65 -1.20 14.09
N ALA A 69 35.47 -1.22 15.13
CA ALA A 69 36.74 -1.94 15.08
C ALA A 69 36.46 -3.42 14.81
N ALA A 70 35.43 -3.95 15.46
CA ALA A 70 35.07 -5.37 15.29
C ALA A 70 34.67 -5.65 13.85
N ILE A 71 33.77 -4.83 13.32
CA ILE A 71 33.37 -4.96 11.91
C ILE A 71 34.54 -4.85 10.92
N ASP A 72 35.39 -3.85 11.14
CA ASP A 72 36.54 -3.62 10.27
C ASP A 72 37.47 -4.84 10.27
N TYR A 73 37.73 -5.39 11.44
CA TYR A 73 38.64 -6.51 11.55
C TYR A 73 38.07 -7.79 10.89
N VAL A 74 36.82 -8.11 11.17
CA VAL A 74 36.22 -9.32 10.63
C VAL A 74 36.12 -9.20 9.10
N SER A 75 35.84 -7.98 8.61
CA SER A 75 35.85 -7.73 7.16
C SER A 75 37.20 -8.10 6.55
N SER A 76 38.27 -7.75 7.24
CA SER A 76 39.63 -7.99 6.73
C SER A 76 39.95 -9.47 6.58
N ASN A 77 39.19 -10.32 7.28
CA ASN A 77 39.36 -11.78 7.16
C ASN A 77 38.35 -12.46 6.23
N GLY A 78 37.63 -11.67 5.44
CA GLY A 78 36.68 -12.23 4.48
C GLY A 78 35.28 -12.47 5.04
N GLY A 79 35.03 -11.97 6.24
CA GLY A 79 33.72 -12.02 6.81
C GLY A 79 33.59 -12.97 7.99
N GLY A 80 32.39 -12.95 8.55
CA GLY A 80 32.01 -13.76 9.69
C GLY A 80 30.79 -13.12 10.34
N THR A 81 30.46 -13.57 11.54
CA THR A 81 29.31 -13.05 12.27
C THR A 81 29.77 -12.58 13.64
N ILE A 82 29.50 -11.32 13.97
CA ILE A 82 29.85 -10.74 15.26
C ILE A 82 28.62 -10.76 16.14
N THR A 83 28.74 -11.36 17.32
CA THR A 83 27.66 -11.34 18.29
C THR A 83 27.68 -10.06 19.12
N ILE A 84 26.50 -9.47 19.28
CA ILE A 84 26.29 -8.38 20.22
C ILE A 84 25.62 -9.02 21.43
N PRO A 85 26.38 -9.25 22.51
CA PRO A 85 25.92 -10.15 23.57
C PRO A 85 24.60 -9.80 24.28
N ALA A 86 23.83 -10.84 24.57
CA ALA A 86 22.62 -10.78 25.38
C ALA A 86 22.97 -10.38 26.81
N GLY A 87 22.03 -9.70 27.46
CA GLY A 87 22.17 -9.38 28.88
C GLY A 87 22.84 -8.04 29.10
N TYR A 88 23.10 -7.31 28.01
CA TYR A 88 23.77 -6.02 28.06
C TYR A 88 23.09 -5.08 27.09
N THR A 89 23.12 -3.79 27.44
CA THR A 89 22.72 -2.70 26.55
C THR A 89 23.98 -1.94 26.14
N TRP A 90 24.14 -1.81 24.84
CA TRP A 90 25.31 -1.27 24.20
C TRP A 90 24.89 0.06 23.63
N TYR A 91 25.40 1.14 24.18
CA TYR A 91 24.98 2.50 23.78
C TYR A 91 25.89 3.07 22.70
N LEU A 92 25.30 3.80 21.77
CA LEU A 92 26.03 4.49 20.72
C LEU A 92 25.87 6.00 20.97
N GLY A 93 26.99 6.73 20.93
CA GLY A 93 27.01 8.11 21.42
C GLY A 93 27.85 9.09 20.63
N SER A 94 28.16 8.74 19.39
CA SER A 94 28.89 9.60 18.49
C SER A 94 28.65 9.19 17.05
N TYR A 95 28.99 10.08 16.12
CA TYR A 95 28.89 9.78 14.71
C TYR A 95 30.11 8.99 14.24
N GLY A 96 29.92 8.22 13.18
CA GLY A 96 31.02 7.57 12.46
C GLY A 96 31.76 8.56 11.58
N VAL A 97 32.80 8.08 10.93
CA VAL A 97 33.71 8.92 10.15
C VAL A 97 33.95 8.32 8.77
N GLY A 98 34.40 9.15 7.84
CA GLY A 98 34.63 8.74 6.47
C GLY A 98 33.37 8.74 5.63
N GLY A 99 33.22 7.71 4.80
CA GLY A 99 32.14 7.60 3.82
C GLY A 99 30.74 7.72 4.38
N ILE A 100 30.51 7.25 5.60
CA ILE A 100 29.16 7.29 6.18
C ILE A 100 28.81 8.64 6.80
N ALA A 101 29.79 9.54 6.91
CA ALA A 101 29.56 10.85 7.51
C ALA A 101 28.55 11.69 6.73
N GLY A 102 28.59 11.56 5.42
CA GLY A 102 27.61 12.22 4.55
C GLY A 102 26.19 11.70 4.72
N HIS A 103 26.03 10.57 5.39
CA HIS A 103 24.71 9.96 5.64
C HIS A 103 24.32 10.07 7.10
N SER A 104 25.01 10.91 7.88
CA SER A 104 24.80 10.99 9.33
C SER A 104 24.94 9.62 9.99
N GLY A 105 25.87 8.83 9.47
CA GLY A 105 26.02 7.45 9.87
C GLY A 105 26.63 7.27 11.25
N ILE A 106 26.24 6.20 11.93
CA ILE A 106 26.86 5.86 13.20
C ILE A 106 27.84 4.71 12.99
N ILE A 107 27.35 3.57 12.49
CA ILE A 107 28.18 2.41 12.20
C ILE A 107 28.19 2.13 10.69
N GLN A 108 29.36 1.78 10.17
CA GLN A 108 29.48 1.34 8.78
C GLN A 108 29.47 -0.18 8.70
N LEU A 109 28.50 -0.71 7.95
CA LEU A 109 28.43 -2.12 7.66
C LEU A 109 29.43 -2.49 6.56
N ARG A 110 29.91 -3.72 6.58
CA ARG A 110 30.82 -4.20 5.57
C ARG A 110 30.43 -5.57 5.03
N SER A 111 30.83 -5.81 3.78
CA SER A 111 30.39 -7.01 3.09
C SER A 111 30.83 -8.28 3.83
N ASN A 112 29.95 -9.27 3.85
CA ASN A 112 30.20 -10.57 4.49
C ASN A 112 30.32 -10.52 6.01
N VAL A 113 30.07 -9.37 6.61
CA VAL A 113 30.15 -9.22 8.05
C VAL A 113 28.73 -9.08 8.59
N ASN A 114 28.27 -10.16 9.22
CA ASN A 114 26.93 -10.26 9.78
C ASN A 114 26.95 -9.83 11.24
N LEU A 115 25.83 -9.29 11.71
CA LEU A 115 25.65 -8.94 13.11
C LEU A 115 24.54 -9.79 13.71
N ASN A 116 24.90 -10.59 14.70
CA ASN A 116 23.92 -11.29 15.50
C ASN A 116 23.63 -10.48 16.74
N ILE A 117 22.56 -9.68 16.67
CA ILE A 117 22.19 -8.83 17.79
C ILE A 117 21.28 -9.61 18.75
N GLU A 118 21.86 -10.04 19.87
CA GLU A 118 21.10 -10.69 20.93
C GLU A 118 20.77 -9.75 22.09
N GLY A 119 21.69 -8.83 22.38
CA GLY A 119 21.45 -7.78 23.37
C GLY A 119 20.74 -6.58 22.77
N ARG A 120 20.85 -5.44 23.44
CA ARG A 120 20.16 -4.22 23.06
C ARG A 120 21.18 -3.19 22.60
N ILE A 121 20.85 -2.51 21.51
CA ILE A 121 21.60 -1.35 21.03
C ILE A 121 20.74 -0.11 21.21
N HIS A 122 21.26 0.87 21.94
CA HIS A 122 20.51 2.05 22.35
C HIS A 122 21.23 3.32 21.93
N LEU A 123 20.50 4.32 21.49
CA LEU A 123 21.09 5.63 21.18
C LEU A 123 21.14 6.50 22.43
N SER A 124 22.31 7.08 22.64
CA SER A 124 22.55 7.99 23.76
C SER A 124 22.03 9.40 23.44
N PRO A 125 21.88 10.25 24.49
CA PRO A 125 21.24 11.55 24.25
C PRO A 125 22.04 12.54 23.42
N PHE A 126 23.30 12.24 23.13
CA PHE A 126 24.04 12.91 22.06
C PHE A 126 23.20 13.07 20.79
N PHE A 127 22.35 12.09 20.49
CA PHE A 127 21.55 12.14 19.26
C PHE A 127 20.24 12.90 19.35
N ASP A 128 19.88 13.37 20.55
CA ASP A 128 18.62 14.09 20.76
C ASP A 128 18.57 15.29 19.80
N LEU A 129 17.44 15.46 19.11
CA LEU A 129 17.24 16.57 18.16
C LEU A 129 18.19 16.59 16.96
N LYS A 130 18.91 15.49 16.71
CA LYS A 130 19.86 15.39 15.61
C LYS A 130 19.46 14.31 14.60
N PRO A 131 19.93 14.46 13.34
CA PRO A 131 19.77 13.38 12.36
C PRO A 131 20.69 12.19 12.66
N PHE A 132 20.34 11.00 12.17
CA PHE A 132 21.22 9.85 12.28
C PHE A 132 20.75 8.71 11.41
N GLN A 133 21.69 7.90 10.95
CA GLN A 133 21.39 6.60 10.37
C GLN A 133 22.28 5.62 11.06
N VAL A 134 21.68 4.67 11.77
CA VAL A 134 22.44 3.88 12.74
C VAL A 134 23.47 2.95 12.08
N PHE A 135 23.03 2.22 11.07
CA PHE A 135 23.87 1.29 10.33
C PHE A 135 23.80 1.68 8.87
N VAL A 136 24.96 1.91 8.26
CA VAL A 136 25.01 2.41 6.89
C VAL A 136 25.94 1.54 6.07
N GLY A 137 25.43 1.05 4.95
CA GLY A 137 26.21 0.23 4.02
C GLY A 137 26.87 0.94 2.84
N PHE A 138 26.55 2.22 2.65
CA PHE A 138 27.30 3.04 1.70
C PHE A 138 28.72 3.20 2.22
N ASP A 139 29.67 3.31 1.30
CA ASP A 139 31.06 3.55 1.68
C ASP A 139 31.58 4.92 1.19
N ASN A 140 30.66 5.79 0.77
CA ASN A 140 30.96 7.11 0.23
C ASN A 140 29.81 8.05 0.54
N GLY A 141 30.13 9.32 0.75
CA GLY A 141 29.12 10.31 1.05
C GLY A 141 28.14 10.53 -0.10
N ASP A 142 28.61 10.26 -1.32
CA ASP A 142 27.80 10.36 -2.51
C ASP A 142 27.39 8.94 -2.89
N PRO A 143 26.10 8.60 -2.77
CA PRO A 143 25.71 7.23 -3.08
C PRO A 143 26.05 6.79 -4.50
N ALA A 144 26.05 7.73 -5.46
CA ALA A 144 26.46 7.42 -6.83
C ALA A 144 27.93 6.96 -6.94
N SER A 145 28.77 7.41 -6.00
CA SER A 145 30.18 7.03 -5.97
C SER A 145 30.47 5.88 -5.01
N SER A 146 29.43 5.35 -4.34
CA SER A 146 29.61 4.29 -3.37
C SER A 146 29.81 2.93 -4.00
N GLY A 147 30.64 2.13 -3.35
CA GLY A 147 30.72 0.72 -3.64
C GLY A 147 29.49 0.01 -3.09
N ASN A 148 29.45 -1.30 -3.30
CA ASN A 148 28.35 -2.14 -2.87
C ASN A 148 28.50 -2.69 -1.46
N LEU A 149 27.37 -3.05 -0.86
CA LEU A 149 27.36 -3.88 0.33
C LEU A 149 26.77 -5.22 -0.07
N GLU A 150 27.52 -6.30 0.18
CA GLU A 150 27.08 -7.64 -0.19
C GLU A 150 27.10 -8.60 0.98
N ASN A 151 26.11 -9.49 1.05
CA ASN A 151 26.14 -10.62 1.96
C ASN A 151 26.23 -10.16 3.40
N CYS A 152 25.40 -9.18 3.76
CA CYS A 152 25.36 -8.65 5.11
C CYS A 152 24.00 -8.88 5.74
N HIS A 153 24.00 -9.65 6.82
CA HIS A 153 22.78 -10.05 7.50
C HIS A 153 22.82 -9.64 8.96
N ILE A 154 21.75 -9.00 9.40
CA ILE A 154 21.54 -8.59 10.75
C ILE A 154 20.39 -9.42 11.29
N TYR A 155 20.61 -10.16 12.36
CA TYR A 155 19.58 -11.04 12.86
C TYR A 155 19.73 -11.27 14.35
N GLY A 156 18.66 -11.77 14.96
CA GLY A 156 18.73 -12.18 16.35
C GLY A 156 17.49 -11.80 17.10
N HIS A 157 17.54 -12.02 18.41
CA HIS A 157 16.41 -11.74 19.27
C HIS A 157 16.49 -10.37 19.93
N GLY A 158 17.50 -9.59 19.57
CA GLY A 158 17.76 -8.32 20.23
C GLY A 158 16.97 -7.15 19.69
N VAL A 159 17.45 -5.95 20.04
CA VAL A 159 16.66 -4.75 19.96
C VAL A 159 17.51 -3.56 19.57
N VAL A 160 16.98 -2.74 18.66
CA VAL A 160 17.51 -1.42 18.36
C VAL A 160 16.52 -0.41 18.91
N ASP A 161 16.99 0.40 19.87
CA ASP A 161 16.13 1.37 20.55
C ASP A 161 16.64 2.77 20.25
N PHE A 162 15.76 3.61 19.69
CA PHE A 162 16.17 4.94 19.21
C PHE A 162 16.10 6.02 20.30
N GLY A 163 15.93 5.60 21.56
CA GLY A 163 16.07 6.49 22.70
C GLY A 163 14.91 7.43 22.95
N GLY A 164 13.89 7.38 22.10
CA GLY A 164 12.70 8.22 22.26
C GLY A 164 12.86 9.67 21.82
N TYR A 165 14.03 10.05 21.30
CA TYR A 165 14.30 11.47 21.01
C TYR A 165 13.51 11.96 19.83
N GLU A 166 12.95 13.16 19.96
CA GLU A 166 12.22 13.78 18.86
C GLU A 166 13.19 14.28 17.82
N PHE A 167 12.70 14.40 16.60
CA PHE A 167 13.38 15.16 15.56
C PHE A 167 13.57 16.60 16.04
N GLY A 168 14.70 17.18 15.63
CA GLY A 168 14.97 18.58 15.89
C GLY A 168 14.40 19.52 14.86
N ALA A 169 14.31 19.05 13.62
CA ALA A 169 13.79 19.83 12.49
C ALA A 169 13.19 18.88 11.48
N SER A 170 12.12 19.30 10.83
CA SER A 170 11.40 18.46 9.86
C SER A 170 12.28 18.01 8.69
N SER A 171 13.29 18.81 8.37
CA SER A 171 14.17 18.54 7.24
C SER A 171 15.19 17.44 7.51
N GLN A 172 15.33 17.05 8.77
CA GLN A 172 16.29 16.01 9.17
C GLN A 172 15.84 14.64 8.69
N LEU A 173 16.80 13.73 8.53
CA LEU A 173 16.52 12.33 8.22
C LEU A 173 17.04 11.44 9.34
N ARG A 174 16.28 10.38 9.63
CA ARG A 174 16.71 9.36 10.56
C ARG A 174 16.34 7.98 10.03
N ASN A 175 17.26 7.04 10.21
CA ASN A 175 17.11 5.66 9.71
C ASN A 175 17.77 4.70 10.69
N GLY A 176 17.29 3.45 10.68
CA GLY A 176 17.93 2.37 11.45
C GLY A 176 19.02 1.68 10.67
N VAL A 177 18.63 1.00 9.59
CA VAL A 177 19.56 0.32 8.71
C VAL A 177 19.38 0.86 7.28
N ALA A 178 20.42 1.48 6.74
CA ALA A 178 20.49 1.80 5.31
C ALA A 178 21.49 0.85 4.70
N PHE A 179 21.04 -0.22 4.05
CA PHE A 179 21.97 -1.19 3.48
C PHE A 179 22.78 -0.61 2.32
N GLY A 180 22.24 0.41 1.66
CA GLY A 180 22.99 1.09 0.60
C GLY A 180 22.78 0.38 -0.73
N ARG A 181 23.85 0.29 -1.53
CA ARG A 181 23.82 -0.44 -2.78
C ARG A 181 24.00 -1.93 -2.46
N SER A 182 22.88 -2.54 -2.08
CA SER A 182 22.88 -3.74 -1.27
C SER A 182 22.43 -5.00 -2.01
N TYR A 183 23.29 -6.01 -1.97
CA TYR A 183 23.05 -7.27 -2.67
C TYR A 183 23.12 -8.42 -1.66
N ASN A 184 22.03 -9.18 -1.54
CA ASN A 184 21.94 -10.29 -0.58
C ASN A 184 22.18 -9.79 0.86
N CYS A 185 21.38 -8.82 1.30
CA CYS A 185 21.40 -8.34 2.67
C CYS A 185 20.04 -8.54 3.31
N SER A 186 20.00 -8.72 4.62
CA SER A 186 18.71 -8.95 5.27
C SER A 186 18.71 -8.57 6.74
N VAL A 187 17.52 -8.30 7.24
CA VAL A 187 17.29 -8.12 8.67
C VAL A 187 16.20 -9.10 9.10
N THR A 188 16.50 -9.88 10.12
CA THR A 188 15.58 -10.94 10.60
C THR A 188 15.48 -10.95 12.13
N GLY A 189 14.26 -10.90 12.65
CA GLY A 189 14.01 -11.15 14.06
C GLY A 189 14.17 -9.94 14.97
N ILE A 190 14.67 -8.84 14.44
CA ILE A 190 15.05 -7.70 15.27
C ILE A 190 13.83 -6.83 15.60
N THR A 191 13.80 -6.29 16.82
CA THR A 191 12.80 -5.31 17.25
C THR A 191 13.42 -3.91 17.17
N PHE A 192 12.78 -3.03 16.40
CA PHE A 192 13.17 -1.64 16.30
C PHE A 192 12.09 -0.86 17.04
N GLN A 193 12.46 -0.02 18.01
CA GLN A 193 11.49 0.61 18.88
C GLN A 193 11.87 2.00 19.39
N ASN A 194 10.84 2.72 19.82
CA ASN A 194 11.01 3.90 20.68
C ASN A 194 11.82 5.02 20.00
N GLY A 195 11.21 5.60 18.98
CA GLY A 195 11.86 6.61 18.20
C GLY A 195 10.95 7.60 17.49
N ASP A 196 11.61 8.52 16.81
CA ASP A 196 10.98 9.49 15.90
C ASP A 196 11.90 9.48 14.69
N VAL A 197 11.59 8.63 13.70
CA VAL A 197 12.49 8.41 12.58
C VAL A 197 11.77 8.50 11.24
N THR A 198 12.55 8.63 10.17
CA THR A 198 12.02 8.66 8.81
C THR A 198 11.73 7.24 8.34
N TRP A 199 12.72 6.37 8.48
CA TRP A 199 12.59 4.95 8.14
C TRP A 199 13.22 4.13 9.26
N ALA A 200 12.81 2.87 9.40
CA ALA A 200 13.56 1.91 10.20
C ALA A 200 14.65 1.24 9.32
N ILE A 201 14.27 0.82 8.11
CA ILE A 201 15.18 0.11 7.22
C ILE A 201 14.96 0.58 5.79
N THR A 202 16.06 0.84 5.07
CA THR A 202 15.99 1.07 3.66
C THR A 202 16.85 0.00 2.95
N LEU A 203 16.33 -0.48 1.82
CA LEU A 203 16.99 -1.51 1.03
C LEU A 203 17.32 -0.91 -0.32
N GLY A 204 18.56 -1.06 -0.75
CA GLY A 204 18.91 -0.60 -2.08
C GLY A 204 19.11 0.90 -2.18
N TRP A 205 19.49 1.35 -3.38
CA TRP A 205 19.61 2.78 -3.66
C TRP A 205 19.30 2.99 -5.14
N ASN A 206 18.17 3.63 -5.43
CA ASN A 206 17.76 3.98 -6.78
C ASN A 206 17.90 2.81 -7.74
N GLY A 207 17.43 1.66 -7.32
CA GLY A 207 17.38 0.48 -8.17
C GLY A 207 18.61 -0.40 -8.13
N TYR A 208 19.69 0.11 -7.52
CA TYR A 208 20.91 -0.68 -7.30
C TYR A 208 20.73 -1.56 -6.07
N GLY A 209 21.02 -2.85 -6.23
CA GLY A 209 20.85 -3.85 -5.18
C GLY A 209 20.01 -5.02 -5.68
N SER A 210 19.90 -6.05 -4.85
CA SER A 210 19.13 -7.21 -5.20
C SER A 210 19.02 -8.11 -3.99
N ASN A 211 17.96 -8.89 -3.91
CA ASN A 211 17.82 -9.93 -2.89
C ASN A 211 18.05 -9.38 -1.47
N CYS A 212 17.30 -8.33 -1.13
CA CYS A 212 17.30 -7.78 0.22
C CYS A 212 15.94 -8.00 0.86
N TYR A 213 15.96 -8.39 2.13
CA TYR A 213 14.73 -8.86 2.78
C TYR A 213 14.64 -8.44 4.22
N VAL A 214 13.41 -8.21 4.68
CA VAL A 214 13.11 -7.92 6.07
C VAL A 214 12.08 -8.95 6.49
N ARG A 215 12.43 -9.80 7.45
CA ARG A 215 11.59 -10.91 7.84
C ARG A 215 11.49 -11.02 9.35
N LYS A 216 10.28 -11.24 9.85
CA LYS A 216 10.06 -11.51 11.28
C LYS A 216 10.61 -10.40 12.18
N CYS A 217 10.61 -9.15 11.71
CA CYS A 217 11.01 -8.00 12.51
C CYS A 217 9.78 -7.34 13.08
N ARG A 218 10.00 -6.65 14.19
CA ARG A 218 8.98 -5.82 14.82
C ARG A 218 9.40 -4.36 14.80
N PHE A 219 8.43 -3.48 14.56
CA PHE A 219 8.66 -2.05 14.48
C PHE A 219 7.58 -1.40 15.34
N ILE A 220 8.01 -0.82 16.45
CA ILE A 220 7.09 -0.37 17.49
C ILE A 220 7.39 1.08 17.90
N ASN A 221 6.42 1.98 17.69
CA ASN A 221 6.47 3.35 18.21
C ASN A 221 7.66 4.12 17.66
N LEU A 222 7.67 4.29 16.35
CA LEU A 222 8.79 4.92 15.64
C LEU A 222 8.48 6.31 15.09
N VAL A 223 7.32 6.85 15.46
CA VAL A 223 6.97 8.27 15.28
C VAL A 223 6.41 8.80 16.61
N ASN A 224 6.91 9.96 17.08
CA ASN A 224 6.39 10.53 18.34
C ASN A 224 6.21 12.06 18.36
N SER A 225 6.44 12.75 17.24
CA SER A 225 6.34 14.21 17.29
C SER A 225 5.73 14.84 16.05
N SER A 226 5.30 16.10 16.21
CA SER A 226 4.77 16.90 15.11
C SER A 226 5.89 17.42 14.20
N VAL A 227 7.14 17.30 14.62
CA VAL A 227 8.26 17.80 13.82
C VAL A 227 8.52 16.81 12.69
N ASN A 228 8.29 15.52 12.95
CA ASN A 228 8.55 14.46 11.99
C ASN A 228 7.78 14.74 10.71
N ALA A 229 8.49 14.90 9.59
CA ALA A 229 7.85 15.24 8.32
C ALA A 229 7.08 14.09 7.69
N ALA A 230 7.57 12.86 7.88
CA ALA A 230 7.10 11.70 7.14
C ALA A 230 7.80 10.45 7.66
N HIS A 231 7.10 9.32 7.62
CA HIS A 231 7.67 8.06 8.08
C HIS A 231 7.17 6.91 7.25
N SER A 232 8.11 6.13 6.71
CA SER A 232 7.82 4.84 6.11
C SER A 232 8.78 3.82 6.69
N THR A 233 8.23 2.78 7.31
CA THR A 233 9.08 1.94 8.14
C THR A 233 10.15 1.17 7.34
N VAL A 234 9.76 0.61 6.20
CA VAL A 234 10.71 -0.06 5.29
C VAL A 234 10.51 0.49 3.89
N TYR A 235 11.59 1.01 3.30
CA TYR A 235 11.57 1.55 1.93
C TYR A 235 12.42 0.62 1.06
N VAL A 236 11.76 -0.07 0.12
CA VAL A 236 12.41 -1.09 -0.70
C VAL A 236 12.77 -0.45 -2.04
N ASN A 237 14.06 -0.19 -2.24
CA ASN A 237 14.54 0.57 -3.41
C ASN A 237 15.56 -0.24 -4.23
N CYS A 238 15.42 -1.57 -4.20
CA CYS A 238 16.12 -2.47 -5.12
C CYS A 238 15.17 -3.59 -5.49
N PRO A 239 15.36 -4.20 -6.66
CA PRO A 239 14.49 -5.28 -7.10
C PRO A 239 14.77 -6.61 -6.39
N TYR A 240 13.87 -7.56 -6.58
CA TYR A 240 14.02 -8.92 -6.10
C TYR A 240 14.22 -8.94 -4.59
N SER A 241 13.35 -8.17 -3.92
CA SER A 241 13.48 -7.81 -2.51
C SER A 241 12.09 -7.67 -1.90
N GLY A 242 12.00 -7.74 -0.59
CA GLY A 242 10.70 -7.63 0.04
C GLY A 242 10.67 -7.76 1.52
N VAL A 243 9.44 -7.66 2.03
CA VAL A 243 9.13 -7.67 3.45
C VAL A 243 8.10 -8.79 3.70
N GLU A 244 8.37 -9.64 4.68
CA GLU A 244 7.52 -10.78 4.98
C GLU A 244 7.41 -11.01 6.48
N SER A 245 6.19 -11.29 6.92
CA SER A 245 5.96 -11.76 8.28
C SER A 245 6.48 -10.80 9.35
N CYS A 246 6.20 -9.51 9.17
CA CYS A 246 6.64 -8.49 10.10
C CYS A 246 5.45 -7.93 10.88
N TYR A 247 5.77 -7.22 11.94
CA TYR A 247 4.77 -6.59 12.81
C TYR A 247 5.10 -5.11 12.93
N PHE A 248 4.10 -4.28 12.70
CA PHE A 248 4.27 -2.83 12.71
C PHE A 248 3.20 -2.21 13.61
N SER A 249 3.63 -1.45 14.61
CA SER A 249 2.67 -0.80 15.49
C SER A 249 3.11 0.63 15.83
N MET A 250 2.14 1.54 15.80
CA MET A 250 2.32 2.89 16.24
C MET A 250 1.22 3.24 17.22
N SER A 251 1.52 4.12 18.16
CA SER A 251 0.53 4.61 19.13
C SER A 251 0.33 6.12 19.06
N SER A 252 1.23 6.85 18.42
CA SER A 252 1.14 8.32 18.40
C SER A 252 0.04 8.80 17.47
N SER A 253 -0.59 9.92 17.85
CA SER A 253 -1.58 10.56 16.99
C SER A 253 -0.94 10.94 15.66
N PHE A 254 0.33 11.38 15.71
CA PHE A 254 0.99 11.85 14.51
C PHE A 254 1.15 10.72 13.48
N ALA A 255 1.38 9.49 13.96
CA ALA A 255 1.57 8.34 13.07
C ALA A 255 0.32 8.07 12.21
N ARG A 256 -0.86 8.36 12.76
CA ARG A 256 -2.12 8.19 12.04
C ARG A 256 -2.22 9.07 10.81
N ASN A 257 -1.46 10.15 10.80
CA ASN A 257 -1.45 11.13 9.70
C ASN A 257 -0.25 11.02 8.77
N ILE A 258 0.87 10.49 9.26
CA ILE A 258 2.11 10.52 8.46
C ILE A 258 2.77 9.19 8.19
N ALA A 259 2.43 8.14 8.94
CA ALA A 259 3.23 6.90 8.89
C ALA A 259 2.68 5.85 7.91
N CYS A 260 3.58 5.27 7.13
CA CYS A 260 3.28 4.18 6.21
C CYS A 260 4.17 3.00 6.59
N SER A 261 3.67 1.77 6.45
CA SER A 261 4.50 0.64 6.86
C SER A 261 5.61 0.27 5.87
N VAL A 262 5.30 0.22 4.58
CA VAL A 262 6.25 -0.25 3.56
C VAL A 262 6.10 0.60 2.31
N GLU A 263 7.20 0.82 1.60
CA GLU A 263 7.13 1.31 0.23
C GLU A 263 7.90 0.37 -0.70
N LEU A 264 7.28 0.02 -1.83
CA LEU A 264 7.88 -0.83 -2.85
C LEU A 264 8.10 0.04 -4.09
N HIS A 265 9.38 0.25 -4.42
CA HIS A 265 9.80 1.23 -5.40
C HIS A 265 10.56 0.64 -6.59
N GLN A 266 10.70 -0.68 -6.62
CA GLN A 266 11.39 -1.32 -7.74
C GLN A 266 10.70 -2.64 -8.08
N HIS A 267 11.05 -3.20 -9.22
CA HIS A 267 10.38 -4.38 -9.75
C HIS A 267 10.67 -5.65 -8.96
N ASP A 268 9.75 -6.60 -9.03
CA ASP A 268 9.90 -7.89 -8.37
C ASP A 268 10.09 -7.71 -6.88
N THR A 269 9.21 -6.90 -6.28
CA THR A 269 9.23 -6.70 -4.86
C THR A 269 7.88 -7.05 -4.25
N PHE A 270 7.92 -7.33 -2.94
CA PHE A 270 6.77 -7.87 -2.26
C PHE A 270 6.65 -7.41 -0.83
N TYR A 271 5.41 -7.45 -0.37
CA TYR A 271 5.05 -7.18 1.01
C TYR A 271 3.95 -8.16 1.40
N ARG A 272 4.28 -9.13 2.26
CA ARG A 272 3.37 -10.23 2.55
C ARG A 272 3.30 -10.57 4.03
N GLY A 273 2.15 -11.11 4.43
CA GLY A 273 2.03 -11.81 5.72
C GLY A 273 2.33 -10.98 6.95
N SER A 274 2.10 -9.68 6.87
CA SER A 274 2.46 -8.79 7.96
C SER A 274 1.22 -8.20 8.61
N THR A 275 1.41 -7.68 9.80
CA THR A 275 0.33 -7.07 10.57
C THR A 275 0.73 -5.63 10.92
N VAL A 276 -0.20 -4.71 10.67
CA VAL A 276 -0.02 -3.27 10.85
C VAL A 276 -1.13 -2.74 11.77
N ASN A 277 -0.76 -1.93 12.76
CA ASN A 277 -1.71 -1.19 13.59
C ASN A 277 -1.22 0.24 13.85
N GLY A 278 -2.12 1.21 13.71
CA GLY A 278 -1.85 2.57 14.17
C GLY A 278 -1.21 3.47 13.11
N TYR A 279 -1.09 2.96 11.89
CA TYR A 279 -0.47 3.71 10.81
C TYR A 279 -1.48 4.45 9.97
N CYS A 280 -1.01 5.45 9.24
CA CYS A 280 -1.81 6.13 8.23
C CYS A 280 -2.03 5.23 7.03
N ARG A 281 -0.95 4.63 6.55
CA ARG A 281 -0.94 3.94 5.27
C ARG A 281 -0.26 2.57 5.33
N GLY A 282 -0.70 1.67 4.45
CA GLY A 282 -0.14 0.32 4.37
C GLY A 282 1.14 0.29 3.54
N ALA A 283 1.01 0.52 2.24
CA ALA A 283 2.14 0.49 1.33
C ALA A 283 1.97 1.44 0.14
N TYR A 284 3.03 2.17 -0.19
CA TYR A 284 3.19 2.77 -1.50
C TYR A 284 3.78 1.76 -2.46
N VAL A 285 3.19 1.68 -3.65
CA VAL A 285 3.71 0.86 -4.74
C VAL A 285 3.85 1.79 -5.93
N VAL A 286 5.09 2.17 -6.23
CA VAL A 286 5.33 3.29 -7.13
C VAL A 286 6.58 3.10 -7.98
N MET A 287 6.61 3.76 -9.12
CA MET A 287 7.87 3.95 -9.85
C MET A 287 8.18 5.44 -9.94
N HIS A 288 9.17 5.88 -9.16
CA HIS A 288 9.69 7.23 -9.32
C HIS A 288 10.71 7.24 -10.45
N ALA A 289 10.48 8.07 -11.46
CA ALA A 289 11.49 8.30 -12.50
C ALA A 289 12.87 8.64 -11.90
N ALA A 290 12.89 9.42 -10.82
CA ALA A 290 14.14 9.83 -10.19
C ALA A 290 14.92 8.65 -9.57
N GLU A 291 14.28 7.49 -9.44
CA GLU A 291 14.91 6.32 -8.83
C GLU A 291 15.19 5.19 -9.82
N ALA A 292 15.16 5.49 -11.12
CA ALA A 292 15.21 4.47 -12.17
C ALA A 292 16.61 4.05 -12.64
N ALA A 293 17.66 4.57 -12.01
CA ALA A 293 19.01 4.35 -12.54
C ALA A 293 19.48 2.89 -12.55
N GLY A 294 19.21 2.16 -11.47
CA GLY A 294 19.82 0.84 -11.26
C GLY A 294 19.10 -0.34 -11.86
N ALA A 295 17.79 -0.21 -12.03
CA ALA A 295 16.96 -1.34 -12.46
C ALA A 295 15.91 -0.99 -13.51
N GLY A 296 16.02 0.20 -14.10
CA GLY A 296 15.11 0.60 -15.16
C GLY A 296 13.94 1.41 -14.68
N SER A 297 13.12 1.86 -15.64
CA SER A 297 12.03 2.82 -15.38
C SER A 297 10.68 2.18 -15.19
N TYR A 298 10.65 0.85 -15.01
CA TYR A 298 9.43 0.10 -14.79
C TYR A 298 9.42 -0.60 -13.44
N ALA A 299 8.37 -0.35 -12.66
CA ALA A 299 8.07 -1.15 -11.48
C ALA A 299 7.00 -2.15 -11.91
N TYR A 300 7.40 -3.41 -12.01
CA TYR A 300 6.51 -4.50 -12.40
C TYR A 300 6.74 -5.67 -11.46
N ASN A 301 5.76 -6.58 -11.42
CA ASN A 301 5.80 -7.72 -10.49
C ASN A 301 5.86 -7.24 -9.06
N MET A 302 4.83 -6.50 -8.68
CA MET A 302 4.70 -5.91 -7.37
C MET A 302 3.58 -6.65 -6.65
N GLN A 303 3.86 -7.17 -5.45
CA GLN A 303 2.94 -8.05 -4.76
C GLN A 303 2.66 -7.56 -3.33
N VAL A 304 1.38 -7.33 -3.01
CA VAL A 304 0.96 -6.99 -1.64
C VAL A 304 -0.09 -8.01 -1.27
N GLU A 305 0.29 -8.96 -0.41
CA GLU A 305 -0.57 -10.10 -0.16
C GLU A 305 -0.65 -10.57 1.29
N ASN A 306 -1.85 -10.95 1.70
CA ASN A 306 -2.09 -11.67 2.96
C ASN A 306 -1.63 -10.89 4.18
N ASN A 307 -1.80 -9.58 4.14
CA ASN A 307 -1.52 -8.72 5.27
C ASN A 307 -2.79 -8.41 6.05
N ILE A 308 -2.59 -7.98 7.29
CA ILE A 308 -3.64 -7.65 8.23
C ILE A 308 -3.35 -6.20 8.66
N ALA A 309 -4.32 -5.30 8.59
CA ALA A 309 -4.04 -3.92 8.89
C ALA A 309 -5.23 -3.18 9.49
N VAL A 310 -4.91 -2.35 10.47
CA VAL A 310 -5.78 -1.27 10.94
C VAL A 310 -5.01 0.01 10.71
N ILE A 311 -5.56 0.84 9.82
CA ILE A 311 -4.93 2.07 9.37
C ILE A 311 -5.94 3.22 9.43
N TYR A 312 -5.48 4.45 9.19
CA TYR A 312 -6.38 5.59 9.27
C TYR A 312 -6.55 6.33 7.93
N GLY A 313 -5.69 6.05 6.95
CA GLY A 313 -5.68 6.66 5.62
C GLY A 313 -5.87 5.60 4.53
N GLN A 314 -4.84 5.41 3.69
CA GLN A 314 -4.99 4.52 2.53
C GLN A 314 -4.14 3.27 2.67
N PHE A 315 -4.70 2.14 2.24
CA PHE A 315 -3.97 0.87 2.37
C PHE A 315 -2.83 0.76 1.35
N VAL A 316 -3.16 0.79 0.06
CA VAL A 316 -2.16 0.74 -1.02
C VAL A 316 -2.32 1.96 -1.90
N ILE A 317 -1.20 2.64 -2.13
CA ILE A 317 -1.17 3.84 -2.94
C ILE A 317 -0.33 3.51 -4.16
N LEU A 318 -0.93 3.68 -5.33
CA LEU A 318 -0.30 3.44 -6.61
C LEU A 318 0.09 4.75 -7.30
N GLY A 319 1.25 4.75 -7.94
CA GLY A 319 1.69 5.92 -8.68
C GLY A 319 2.90 5.69 -9.54
N SER A 320 3.07 6.61 -10.50
CA SER A 320 4.32 6.73 -11.23
C SER A 320 4.48 8.16 -11.73
N ASP A 321 5.71 8.52 -12.06
CA ASP A 321 5.95 9.92 -12.40
C ASP A 321 7.15 10.05 -13.32
N VAL A 322 7.46 11.30 -13.68
CA VAL A 322 8.48 11.60 -14.66
C VAL A 322 9.48 12.63 -14.14
N THR A 323 10.66 12.63 -14.76
CA THR A 323 11.62 13.70 -14.62
C THR A 323 11.77 14.30 -16.01
N ALA A 324 12.70 15.25 -16.13
CA ALA A 324 12.98 15.86 -17.44
C ALA A 324 13.29 14.82 -18.52
N THR A 325 13.99 13.74 -18.16
CA THR A 325 14.49 12.78 -19.16
C THR A 325 14.04 11.32 -19.00
N VAL A 326 13.36 10.99 -17.90
CA VAL A 326 12.95 9.62 -17.65
C VAL A 326 11.46 9.61 -17.29
N SER A 327 10.75 8.61 -17.81
CA SER A 327 9.34 8.39 -17.46
C SER A 327 9.19 7.07 -16.70
N GLY A 328 8.59 7.13 -15.51
CA GLY A 328 8.33 5.92 -14.73
C GLY A 328 7.00 5.26 -15.09
N HIS A 329 6.96 3.93 -15.01
CA HIS A 329 5.80 3.14 -15.35
C HIS A 329 5.57 2.12 -14.26
N LEU A 330 4.31 1.88 -13.91
CA LEU A 330 3.89 0.88 -12.90
C LEU A 330 2.92 -0.08 -13.59
N ASN A 331 3.24 -1.36 -13.57
CA ASN A 331 2.38 -2.36 -14.17
C ASN A 331 2.64 -3.72 -13.58
N ASP A 332 1.66 -4.62 -13.72
CA ASP A 332 1.79 -6.01 -13.27
C ASP A 332 1.94 -6.04 -11.76
N VAL A 333 0.84 -5.65 -11.13
CA VAL A 333 0.71 -5.54 -9.69
C VAL A 333 -0.41 -6.47 -9.24
N ILE A 334 -0.24 -7.10 -8.07
CA ILE A 334 -1.30 -7.91 -7.47
C ILE A 334 -1.45 -7.54 -5.99
N VAL A 335 -2.69 -7.27 -5.61
CA VAL A 335 -3.06 -6.96 -4.24
C VAL A 335 -4.13 -7.98 -3.87
N SER A 336 -3.80 -8.94 -3.00
CA SER A 336 -4.71 -10.04 -2.74
C SER A 336 -4.61 -10.57 -1.33
N GLY A 337 -5.74 -11.05 -0.82
CA GLY A 337 -5.77 -11.74 0.48
C GLY A 337 -5.61 -10.85 1.70
N ASN A 338 -5.66 -9.54 1.53
CA ASN A 338 -5.46 -8.62 2.64
C ASN A 338 -6.77 -8.39 3.37
N ILE A 339 -6.69 -8.22 4.67
CA ILE A 339 -7.83 -7.83 5.47
C ILE A 339 -7.49 -6.53 6.17
N VAL A 340 -8.25 -5.49 5.85
CA VAL A 340 -7.88 -4.12 6.19
C VAL A 340 -9.11 -3.37 6.71
N SER A 341 -8.91 -2.60 7.78
CA SER A 341 -9.95 -1.71 8.28
C SER A 341 -9.39 -0.31 8.52
N ILE A 342 -10.27 0.67 8.35
CA ILE A 342 -10.02 2.01 8.86
C ILE A 342 -10.39 1.96 10.36
N GLY A 343 -9.45 2.35 11.21
CA GLY A 343 -9.69 2.35 12.64
C GLY A 343 -10.70 3.40 13.03
N GLU A 344 -11.23 3.24 14.23
CA GLU A 344 -12.18 4.18 14.77
C GLU A 344 -11.63 5.61 14.72
N ARG A 345 -12.34 6.47 14.01
CA ARG A 345 -11.99 7.90 13.94
C ARG A 345 -13.15 8.72 13.41
N ALA A 346 -13.12 10.02 13.66
CA ALA A 346 -14.11 10.94 13.11
C ALA A 346 -13.88 11.08 11.61
N ALA A 347 -14.98 11.29 10.88
CA ALA A 347 -14.90 11.64 9.46
C ALA A 347 -13.94 12.81 9.28
N PHE A 348 -13.10 12.68 8.25
CA PHE A 348 -12.17 13.74 7.83
C PHE A 348 -11.07 14.09 8.84
N SER A 349 -10.88 13.26 9.86
CA SER A 349 -9.87 13.54 10.90
C SER A 349 -8.47 12.98 10.58
N ALA A 350 -8.35 12.27 9.47
CA ALA A 350 -7.07 11.75 8.97
C ALA A 350 -7.19 11.76 7.45
N PRO A 351 -6.08 11.51 6.73
CA PRO A 351 -6.19 11.43 5.28
C PRO A 351 -7.27 10.42 4.80
N PHE A 352 -7.84 10.72 3.64
CA PHE A 352 -9.06 10.10 3.15
C PHE A 352 -8.90 8.57 3.14
N GLY A 353 -9.82 7.88 3.80
CA GLY A 353 -9.74 6.43 3.90
C GLY A 353 -9.95 5.74 2.56
N ALA A 354 -9.08 4.79 2.23
CA ALA A 354 -9.18 4.11 0.95
C ALA A 354 -8.49 2.76 1.02
N PHE A 355 -8.99 1.80 0.27
CA PHE A 355 -8.27 0.54 0.08
C PHE A 355 -7.16 0.72 -0.97
N ILE A 356 -7.54 1.21 -2.15
CA ILE A 356 -6.58 1.62 -3.18
C ILE A 356 -6.70 3.12 -3.37
N ASP A 357 -5.56 3.81 -3.48
CA ASP A 357 -5.51 5.20 -3.90
C ASP A 357 -4.64 5.28 -5.15
N ILE A 358 -5.12 5.99 -6.16
CA ILE A 358 -4.33 6.36 -7.34
C ILE A 358 -3.87 7.77 -7.06
N GLY A 359 -2.63 7.88 -6.60
CA GLY A 359 -2.13 9.12 -6.02
C GLY A 359 -1.38 10.01 -7.01
N PRO A 360 -1.74 11.31 -7.07
CA PRO A 360 -0.95 12.26 -7.89
C PRO A 360 0.50 12.35 -7.43
N ASP A 361 1.37 12.90 -8.28
CA ASP A 361 2.79 12.94 -7.95
C ASP A 361 3.08 13.89 -6.80
N ASN A 362 4.36 13.99 -6.41
CA ASN A 362 4.72 14.84 -5.27
C ASN A 362 4.44 16.33 -5.45
N SER A 363 4.27 16.78 -6.68
CA SER A 363 3.87 18.18 -6.96
C SER A 363 2.35 18.35 -7.17
N GLY A 364 1.62 17.23 -7.03
CA GLY A 364 0.17 17.23 -7.18
C GLY A 364 -0.31 16.96 -8.59
N ALA A 365 0.59 16.64 -9.53
CA ALA A 365 0.21 16.44 -10.93
C ALA A 365 -0.49 15.08 -11.11
N SER A 366 -1.58 15.10 -11.87
CA SER A 366 -2.40 13.91 -12.11
C SER A 366 -2.33 13.45 -13.55
N ASN A 367 -1.41 14.04 -14.32
CA ASN A 367 -1.31 13.77 -15.77
C ASN A 367 0.06 13.23 -16.21
N VAL A 368 0.80 12.64 -15.26
CA VAL A 368 2.13 12.08 -15.52
C VAL A 368 2.19 10.54 -15.38
N GLN A 369 1.10 9.94 -14.87
CA GLN A 369 1.11 8.54 -14.44
C GLN A 369 0.97 7.57 -15.62
N ASP A 370 1.58 6.39 -15.47
CA ASP A 370 1.36 5.30 -16.39
C ASP A 370 1.23 4.00 -15.58
N ILE A 371 0.01 3.77 -15.09
CA ILE A 371 -0.33 2.67 -14.17
C ILE A 371 -1.31 1.77 -14.88
N GLN A 372 -0.98 0.48 -15.00
CA GLN A 372 -1.86 -0.46 -15.69
C GLN A 372 -1.60 -1.89 -15.26
N ARG A 373 -2.46 -2.80 -15.68
CA ARG A 373 -2.31 -4.22 -15.34
C ARG A 373 -2.13 -4.44 -13.84
N VAL A 374 -3.11 -3.97 -13.10
CA VAL A 374 -3.19 -4.13 -11.66
C VAL A 374 -4.39 -5.04 -11.35
N LEU A 375 -4.17 -6.05 -10.53
CA LEU A 375 -5.26 -6.94 -10.09
C LEU A 375 -5.41 -6.83 -8.60
N VAL A 376 -6.62 -6.45 -8.18
CA VAL A 376 -7.01 -6.34 -6.79
C VAL A 376 -8.10 -7.39 -6.57
N THR A 377 -7.76 -8.46 -5.85
CA THR A 377 -8.66 -9.59 -5.74
C THR A 377 -8.61 -10.25 -4.38
N GLY A 378 -9.77 -10.67 -3.88
CA GLY A 378 -9.83 -11.51 -2.69
C GLY A 378 -9.43 -10.80 -1.42
N ASN A 379 -9.68 -9.49 -1.35
CA ASN A 379 -9.42 -8.68 -0.16
C ASN A 379 -10.71 -8.32 0.51
N SER A 380 -10.60 -8.00 1.79
CA SER A 380 -11.72 -7.43 2.55
C SER A 380 -11.31 -6.09 3.14
N PHE A 381 -12.22 -5.12 3.02
CA PHE A 381 -12.02 -3.78 3.54
C PHE A 381 -13.25 -3.36 4.32
N TYR A 382 -13.03 -2.73 5.46
CA TYR A 382 -14.12 -2.25 6.30
C TYR A 382 -13.78 -0.85 6.84
N ALA A 383 -14.77 0.05 6.83
CA ALA A 383 -14.66 1.33 7.53
C ALA A 383 -15.94 1.54 8.32
N PRO A 384 -15.82 1.96 9.60
CA PRO A 384 -17.02 2.26 10.40
C PRO A 384 -17.99 3.24 9.73
N ALA A 385 -19.28 3.09 10.06
CA ALA A 385 -20.36 3.81 9.38
C ALA A 385 -20.24 5.32 9.34
N ASN A 386 -19.60 5.89 10.35
CA ASN A 386 -19.50 7.35 10.44
C ASN A 386 -18.43 7.94 9.51
N ILE A 387 -17.55 7.09 8.95
CA ILE A 387 -16.41 7.59 8.22
C ILE A 387 -16.80 7.85 6.78
N THR A 388 -17.25 9.07 6.55
CA THR A 388 -17.68 9.53 5.23
C THR A 388 -16.56 9.39 4.19
N ASP A 389 -15.35 9.70 4.63
CA ASP A 389 -14.18 9.66 3.78
C ASP A 389 -13.61 8.24 3.82
N SER A 390 -14.32 7.30 3.20
CA SER A 390 -13.83 5.95 3.00
C SER A 390 -14.30 5.42 1.66
N ALA A 391 -13.37 4.84 0.91
CA ALA A 391 -13.66 4.37 -0.44
C ALA A 391 -12.87 3.11 -0.75
N ALA A 392 -13.47 2.23 -1.55
CA ALA A 392 -12.71 1.12 -2.10
C ALA A 392 -11.51 1.62 -2.94
N ILE A 393 -11.76 2.60 -3.80
CA ILE A 393 -10.71 3.28 -4.58
C ILE A 393 -10.97 4.75 -4.64
N THR A 394 -9.98 5.53 -4.22
CA THR A 394 -9.96 6.94 -4.50
C THR A 394 -9.09 7.10 -5.75
N LEU A 395 -9.74 7.44 -6.85
CA LEU A 395 -9.10 7.45 -8.17
C LEU A 395 -8.79 8.90 -8.53
N ARG A 396 -7.60 9.34 -8.13
CA ARG A 396 -7.27 10.79 -8.12
C ARG A 396 -6.26 11.23 -9.19
N ALA A 397 -5.75 10.30 -9.96
CA ALA A 397 -4.82 10.62 -11.04
C ALA A 397 -5.10 9.72 -12.23
N ASN A 398 -4.51 10.05 -13.37
CA ASN A 398 -4.69 9.26 -14.58
C ASN A 398 -4.41 7.79 -14.32
N LEU A 399 -5.29 6.94 -14.84
CA LEU A 399 -5.20 5.51 -14.62
C LEU A 399 -5.36 4.80 -15.94
N ASN A 400 -4.40 3.93 -16.30
CA ASN A 400 -4.44 3.18 -17.54
C ASN A 400 -4.96 1.77 -17.40
N GLY A 401 -5.14 1.31 -16.15
CA GLY A 401 -5.92 0.11 -15.89
C GLY A 401 -5.84 -0.37 -14.46
N CYS A 402 -6.96 -0.89 -13.96
CA CYS A 402 -7.01 -1.54 -12.65
C CYS A 402 -8.23 -2.45 -12.65
N THR A 403 -8.03 -3.67 -12.20
CA THR A 403 -9.05 -4.71 -12.25
C THR A 403 -9.36 -5.15 -10.81
N PHE A 404 -10.65 -5.12 -10.45
CA PHE A 404 -11.15 -5.57 -9.15
C PHE A 404 -12.04 -6.79 -9.35
N ILE A 405 -11.66 -7.91 -8.73
CA ILE A 405 -12.48 -9.13 -8.80
C ILE A 405 -12.58 -9.73 -7.41
N ALA A 406 -13.79 -10.13 -7.02
CA ALA A 406 -13.99 -10.95 -5.83
C ALA A 406 -13.41 -10.34 -4.54
N ASN A 407 -13.64 -9.04 -4.35
CA ASN A 407 -13.37 -8.37 -3.06
C ASN A 407 -14.66 -8.14 -2.30
N ASN A 408 -14.50 -7.86 -1.02
CA ASN A 408 -15.61 -7.46 -0.14
C ASN A 408 -15.29 -6.07 0.39
N PHE A 409 -16.00 -5.06 -0.10
CA PHE A 409 -15.73 -3.67 0.28
C PHE A 409 -16.92 -3.14 1.08
N ASP A 410 -16.67 -2.78 2.34
CA ASP A 410 -17.72 -2.30 3.23
C ASP A 410 -17.32 -0.93 3.76
N CYS A 411 -17.64 0.11 2.97
CA CYS A 411 -17.24 1.48 3.28
C CYS A 411 -18.19 2.45 2.59
N ARG A 412 -17.94 3.76 2.67
CA ARG A 412 -18.94 4.73 2.20
C ARG A 412 -19.10 4.74 0.67
N TYR A 413 -17.97 4.84 -0.02
CA TYR A 413 -17.92 4.85 -1.47
C TYR A 413 -17.25 3.60 -2.03
N MET A 414 -17.66 3.22 -3.23
CA MET A 414 -16.91 2.19 -3.98
C MET A 414 -15.82 2.88 -4.82
N VAL A 415 -16.20 3.63 -5.84
CA VAL A 415 -15.29 4.48 -6.60
C VAL A 415 -15.57 5.94 -6.25
N TYR A 416 -14.51 6.68 -5.92
CA TYR A 416 -14.64 8.08 -5.56
C TYR A 416 -13.50 8.91 -6.13
N ASN A 417 -13.84 10.14 -6.53
CA ASN A 417 -12.90 11.23 -6.65
C ASN A 417 -13.66 12.51 -6.34
N ALA A 418 -12.98 13.50 -5.79
CA ALA A 418 -13.62 14.78 -5.50
C ALA A 418 -13.74 15.62 -6.80
N PRO A 419 -14.93 16.27 -6.92
N PRO A 419 -14.70 16.55 -6.92
CA PRO A 419 -15.25 17.24 -7.95
CA PRO A 419 -14.51 17.40 -8.14
C PRO A 419 -14.55 18.52 -7.56
C PRO A 419 -13.14 18.13 -8.22
N GLY A 420 -14.18 19.32 -8.55
N GLY A 420 -12.64 18.43 -9.42
CA GLY A 420 -13.44 20.54 -8.30
CA GLY A 420 -11.33 19.08 -9.56
C GLY A 420 -12.00 20.31 -7.89
C GLY A 420 -11.05 19.75 -10.92
N THR A 421 -11.50 19.08 -8.05
N THR A 421 -9.93 20.49 -11.01
CA THR A 421 -10.09 18.78 -7.80
CA THR A 421 -9.61 21.25 -12.22
C THR A 421 -9.47 18.28 -9.10
C THR A 421 -8.86 20.43 -13.28
N THR A 422 -8.94 17.06 -9.12
N THR A 422 -8.12 19.41 -12.85
CA THR A 422 -8.34 16.50 -10.30
CA THR A 422 -7.47 18.50 -13.78
C THR A 422 -9.44 15.99 -11.23
C THR A 422 -7.91 17.06 -13.48
N SER A 423 -9.12 15.86 -12.50
N SER A 423 -9.17 16.77 -13.72
CA SER A 423 -10.02 15.27 -13.48
CA SER A 423 -9.76 15.48 -13.36
C SER A 423 -9.30 14.15 -14.22
C SER A 423 -9.04 14.32 -14.11
N PRO A 424 -9.14 12.99 -13.53
N PRO A 424 -9.12 13.10 -13.55
CA PRO A 424 -8.39 11.91 -14.15
CA PRO A 424 -8.40 11.96 -14.12
C PRO A 424 -8.96 11.44 -15.45
C PRO A 424 -8.95 11.46 -15.45
N VAL A 425 -8.05 11.01 -16.31
CA VAL A 425 -8.39 10.28 -17.52
C VAL A 425 -8.28 8.79 -17.18
N VAL A 426 -9.40 8.08 -17.32
CA VAL A 426 -9.50 6.70 -16.84
C VAL A 426 -9.68 5.75 -18.03
N GLN A 427 -8.82 4.72 -18.09
CA GLN A 427 -8.96 3.65 -19.05
C GLN A 427 -8.89 2.32 -18.32
N ASN A 428 -9.66 1.34 -18.79
CA ASN A 428 -9.53 -0.05 -18.33
C ASN A 428 -9.73 -0.22 -16.83
N LEU A 429 -10.68 0.54 -16.28
CA LEU A 429 -11.12 0.30 -14.91
C LEU A 429 -12.19 -0.81 -14.97
N VAL A 430 -11.91 -1.96 -14.32
CA VAL A 430 -12.80 -3.11 -14.33
C VAL A 430 -13.25 -3.41 -12.91
N TRP A 431 -14.56 -3.26 -12.67
CA TRP A 431 -15.18 -3.65 -11.43
C TRP A 431 -16.17 -4.79 -11.70
N ASP A 432 -15.71 -6.01 -11.46
CA ASP A 432 -16.49 -7.19 -11.75
C ASP A 432 -17.68 -7.31 -10.81
N LYS A 433 -18.72 -7.99 -11.28
CA LYS A 433 -19.92 -8.19 -10.47
C LYS A 433 -19.67 -9.00 -9.17
N SER A 434 -18.57 -9.74 -9.12
CA SER A 434 -18.20 -10.55 -7.96
C SER A 434 -17.69 -9.72 -6.78
N ASN A 435 -17.52 -8.41 -6.95
CA ASN A 435 -17.23 -7.57 -5.79
C ASN A 435 -18.48 -7.34 -5.00
N VAL A 436 -18.41 -7.71 -3.71
CA VAL A 436 -19.54 -7.58 -2.80
C VAL A 436 -19.45 -6.26 -2.05
N ILE A 437 -20.56 -5.53 -2.09
CA ILE A 437 -20.69 -4.19 -1.51
C ILE A 437 -21.40 -4.36 -0.16
N GLY A 438 -20.70 -4.08 0.93
CA GLY A 438 -21.29 -4.23 2.27
C GLY A 438 -22.31 -3.19 2.63
N GLY A 439 -22.95 -3.41 3.77
CA GLY A 439 -24.06 -2.59 4.20
C GLY A 439 -23.81 -1.72 5.43
N THR A 440 -22.57 -1.63 5.89
CA THR A 440 -22.29 -0.84 7.10
C THR A 440 -22.74 0.61 6.94
N HIS A 441 -22.59 1.18 5.75
CA HIS A 441 -22.91 2.59 5.52
C HIS A 441 -24.33 2.80 4.99
N ALA A 442 -25.17 1.76 5.00
CA ALA A 442 -26.58 1.95 4.64
C ALA A 442 -27.19 3.04 5.51
N ASN A 443 -28.02 3.86 4.88
CA ASN A 443 -28.69 4.99 5.55
C ASN A 443 -27.82 6.19 5.87
N GLN A 444 -26.53 6.12 5.53
CA GLN A 444 -25.61 7.24 5.77
C GLN A 444 -25.32 8.08 4.52
N ARG A 445 -25.90 7.71 3.37
CA ARG A 445 -25.44 8.23 2.08
C ARG A 445 -26.28 9.37 1.46
N ALA A 446 -27.05 10.09 2.27
CA ALA A 446 -27.79 11.23 1.74
C ALA A 446 -26.88 12.11 0.89
N GLY A 447 -27.36 12.44 -0.30
CA GLY A 447 -26.62 13.33 -1.20
C GLY A 447 -25.40 12.76 -1.88
N GLN A 448 -25.18 11.46 -1.73
CA GLN A 448 -23.95 10.82 -2.21
C GLN A 448 -24.23 9.75 -3.26
N ASN A 449 -23.25 9.57 -4.14
CA ASN A 449 -23.29 8.56 -5.20
C ASN A 449 -22.32 7.46 -4.82
N LEU A 450 -22.80 6.23 -4.77
CA LEU A 450 -21.97 5.09 -4.33
C LEU A 450 -20.69 4.95 -5.18
N PHE A 451 -20.87 5.09 -6.50
CA PHE A 451 -19.77 5.18 -7.46
C PHE A 451 -19.90 6.60 -8.02
N ASP A 452 -18.98 7.46 -7.61
CA ASP A 452 -19.06 8.89 -7.93
C ASP A 452 -17.98 9.15 -8.97
N MET A 453 -18.40 9.15 -10.23
CA MET A 453 -17.45 9.05 -11.35
C MET A 453 -16.92 10.44 -11.82
N GLN A 454 -16.24 11.11 -10.90
CA GLN A 454 -15.78 12.48 -11.11
C GLN A 454 -14.46 12.50 -11.88
N PHE A 455 -14.56 12.19 -13.17
CA PHE A 455 -13.40 12.03 -14.05
C PHE A 455 -13.56 12.88 -15.30
N ALA A 456 -12.44 13.14 -15.97
CA ALA A 456 -12.47 13.77 -17.28
C ALA A 456 -13.11 12.86 -18.30
N SER A 457 -12.79 11.58 -18.22
CA SER A 457 -13.28 10.61 -19.18
C SER A 457 -13.05 9.21 -18.65
N VAL A 458 -13.88 8.30 -19.14
CA VAL A 458 -13.85 6.88 -18.85
C VAL A 458 -14.01 6.10 -20.15
N VAL A 459 -13.07 5.21 -20.41
CA VAL A 459 -13.08 4.39 -21.63
C VAL A 459 -12.68 2.97 -21.30
N ASN A 460 -13.23 2.01 -22.04
CA ASN A 460 -12.83 0.61 -21.89
C ASN A 460 -12.95 0.14 -20.45
N SER A 461 -14.01 0.60 -19.79
CA SER A 461 -14.22 0.29 -18.39
C SER A 461 -15.51 -0.49 -18.19
N THR A 462 -15.55 -1.18 -17.06
CA THR A 462 -16.66 -2.03 -16.67
C THR A 462 -17.01 -1.72 -15.23
N ILE A 463 -18.26 -1.34 -14.97
CA ILE A 463 -18.75 -1.24 -13.60
C ILE A 463 -20.02 -2.05 -13.50
N GLU A 464 -19.92 -3.21 -12.85
CA GLU A 464 -21.08 -4.05 -12.60
C GLU A 464 -21.48 -3.91 -11.13
N VAL A 465 -22.45 -3.02 -10.87
CA VAL A 465 -22.91 -2.76 -9.51
C VAL A 465 -23.88 -3.86 -9.05
N GLN A 466 -23.58 -4.45 -7.90
CA GLN A 466 -24.44 -5.43 -7.29
C GLN A 466 -24.57 -5.09 -5.81
N LEU A 467 -25.77 -4.66 -5.40
CA LEU A 467 -26.03 -4.44 -3.99
C LEU A 467 -26.30 -5.75 -3.29
N SER A 468 -26.11 -5.76 -1.98
CA SER A 468 -26.51 -6.91 -1.16
C SER A 468 -27.42 -6.56 0.01
N CYS A 469 -27.87 -5.31 0.06
CA CYS A 469 -28.87 -4.84 1.01
C CYS A 469 -29.36 -3.51 0.47
N GLU A 470 -30.43 -2.98 1.05
CA GLU A 470 -30.97 -1.73 0.62
C GLU A 470 -30.21 -0.56 1.23
N ASP A 471 -30.06 0.51 0.47
CA ASP A 471 -29.66 1.80 1.02
C ASP A 471 -30.38 2.87 0.24
N LEU A 472 -31.57 3.22 0.71
CA LEU A 472 -32.37 4.20 0.02
C LEU A 472 -31.95 5.64 0.30
N SER A 473 -30.97 5.79 1.19
CA SER A 473 -30.43 7.13 1.46
C SER A 473 -29.59 7.67 0.31
N MET A 474 -28.95 6.79 -0.45
CA MET A 474 -28.00 7.27 -1.47
C MET A 474 -28.75 7.98 -2.58
N PHE A 475 -28.10 8.99 -3.18
CA PHE A 475 -28.69 9.67 -4.33
C PHE A 475 -28.77 8.75 -5.54
N SER A 476 -27.70 8.03 -5.79
CA SER A 476 -27.64 7.08 -6.90
C SER A 476 -26.63 5.98 -6.59
N CYS A 477 -26.74 4.87 -7.32
CA CYS A 477 -25.69 3.83 -7.34
C CYS A 477 -24.45 4.29 -8.07
N ILE A 478 -24.63 4.94 -9.22
CA ILE A 478 -23.50 5.42 -10.02
C ILE A 478 -23.92 6.66 -10.76
N LEU A 479 -23.05 7.67 -10.75
CA LEU A 479 -23.36 8.93 -11.39
C LEU A 479 -22.15 9.41 -12.16
N PHE A 480 -22.41 9.81 -13.40
CA PHE A 480 -21.44 10.45 -14.28
C PHE A 480 -21.85 11.93 -14.48
N PRO A 481 -21.00 12.89 -14.08
CA PRO A 481 -21.31 14.28 -14.39
C PRO A 481 -21.18 14.51 -15.89
N ALA A 482 -21.81 15.56 -16.39
CA ALA A 482 -21.81 15.86 -17.82
C ALA A 482 -20.41 16.10 -18.38
N SER A 483 -19.51 16.54 -17.51
CA SER A 483 -18.11 16.75 -17.85
C SER A 483 -17.30 15.47 -18.10
N CYS A 484 -17.84 14.33 -17.69
CA CYS A 484 -17.16 13.05 -17.89
C CYS A 484 -17.61 12.38 -19.18
N GLN A 485 -16.69 12.29 -20.15
CA GLN A 485 -16.96 11.53 -21.34
C GLN A 485 -16.95 10.04 -20.95
N LEU A 486 -17.81 9.27 -21.59
CA LEU A 486 -17.94 7.84 -21.33
C LEU A 486 -18.09 7.15 -22.67
N SER A 487 -17.23 6.19 -22.97
CA SER A 487 -17.28 5.50 -24.26
C SER A 487 -16.72 4.09 -24.14
N TYR A 488 -17.14 3.19 -25.03
CA TYR A 488 -16.61 1.83 -25.04
C TYR A 488 -16.55 1.23 -23.64
N SER A 489 -17.69 1.27 -22.95
CA SER A 489 -17.76 0.87 -21.56
C SER A 489 -19.05 0.13 -21.29
N LYS A 490 -19.05 -0.62 -20.19
CA LYS A 490 -20.19 -1.42 -19.74
C LYS A 490 -20.54 -0.97 -18.33
N ILE A 491 -21.75 -0.48 -18.13
CA ILE A 491 -22.21 -0.02 -16.82
C ILE A 491 -23.55 -0.70 -16.54
N THR A 492 -23.59 -1.51 -15.48
CA THR A 492 -24.83 -2.18 -15.14
C THR A 492 -25.14 -2.05 -13.66
N VAL A 493 -26.44 -1.97 -13.36
CA VAL A 493 -26.94 -1.95 -11.99
C VAL A 493 -27.91 -3.11 -11.88
N ASP A 494 -27.52 -4.12 -11.13
CA ASP A 494 -28.42 -5.24 -10.85
C ASP A 494 -29.67 -4.72 -10.11
N SER A 495 -30.83 -5.32 -10.37
CA SER A 495 -32.06 -4.78 -9.77
C SER A 495 -32.23 -5.09 -8.28
N ALA A 496 -31.49 -6.06 -7.74
CA ALA A 496 -31.79 -6.51 -6.39
C ALA A 496 -31.54 -5.35 -5.39
N TRP A 497 -32.50 -5.18 -4.47
CA TRP A 497 -32.52 -4.11 -3.47
C TRP A 497 -32.70 -2.70 -4.05
N THR A 498 -33.06 -2.59 -5.33
CA THR A 498 -33.22 -1.27 -5.95
C THR A 498 -34.67 -0.84 -6.20
N LYS A 499 -35.66 -1.67 -5.87
CA LYS A 499 -37.03 -1.34 -6.32
C LYS A 499 -37.53 0.04 -5.91
N SER A 500 -37.10 0.49 -4.73
CA SER A 500 -37.58 1.73 -4.15
C SER A 500 -36.65 2.91 -4.39
N MET A 501 -35.60 2.73 -5.20
CA MET A 501 -34.67 3.82 -5.50
C MET A 501 -35.17 4.71 -6.59
N SER A 502 -35.14 6.02 -6.36
CA SER A 502 -35.55 7.01 -7.34
C SER A 502 -34.56 7.08 -8.49
N ASN A 503 -33.29 6.99 -8.15
CA ASN A 503 -32.23 6.98 -9.14
C ASN A 503 -31.38 5.77 -8.87
N THR A 504 -31.00 5.09 -9.94
CA THR A 504 -30.07 3.97 -9.88
C THR A 504 -28.77 4.36 -10.58
N ALA A 505 -28.77 4.42 -11.89
CA ALA A 505 -27.67 4.99 -12.67
C ALA A 505 -28.06 6.35 -13.22
N VAL A 506 -27.17 7.33 -13.07
CA VAL A 506 -27.41 8.69 -13.51
C VAL A 506 -26.30 9.14 -14.48
N PHE A 507 -26.71 9.62 -15.64
CA PHE A 507 -25.80 10.08 -16.67
C PHE A 507 -26.18 11.51 -16.96
N GLU A 508 -25.53 12.44 -16.29
CA GLU A 508 -25.95 13.85 -16.36
C GLU A 508 -25.74 14.50 -17.71
N GLY A 509 -24.90 13.91 -18.56
CA GLY A 509 -24.72 14.35 -19.93
C GLY A 509 -25.35 13.39 -20.95
N ASN A 510 -26.26 12.51 -20.51
CA ASN A 510 -26.91 11.51 -21.37
C ASN A 510 -25.87 10.64 -22.07
N GLN A 511 -24.79 10.33 -21.36
CA GLN A 511 -23.66 9.61 -21.97
C GLN A 511 -23.98 8.16 -22.30
N GLN A 512 -25.04 7.65 -21.69
CA GLN A 512 -25.44 6.25 -21.93
C GLN A 512 -25.90 6.04 -23.38
N ALA A 513 -26.20 7.13 -24.09
CA ALA A 513 -26.55 7.04 -25.52
C ALA A 513 -25.40 6.77 -26.47
N GLY A 514 -24.16 6.76 -25.98
CA GLY A 514 -23.02 6.53 -26.84
C GLY A 514 -23.09 5.22 -27.64
N ALA A 515 -22.55 5.24 -28.85
CA ALA A 515 -22.62 4.11 -29.78
C ALA A 515 -22.09 2.83 -29.19
N ASN A 516 -21.03 2.94 -28.39
CA ASN A 516 -20.37 1.79 -27.79
C ASN A 516 -20.44 1.76 -26.27
N VAL A 517 -21.55 2.27 -25.74
CA VAL A 517 -21.84 2.19 -24.33
C VAL A 517 -22.90 1.11 -24.19
N TYR A 518 -22.65 0.21 -23.24
CA TYR A 518 -23.46 -0.97 -23.00
C TYR A 518 -23.96 -0.84 -21.55
N VAL A 519 -25.26 -0.67 -21.36
CA VAL A 519 -25.76 -0.30 -20.03
C VAL A 519 -27.08 -0.97 -19.75
N SER A 520 -27.30 -1.24 -18.48
CA SER A 520 -28.64 -1.62 -18.00
C SER A 520 -28.84 -1.16 -16.58
N TYR A 521 -30.04 -0.68 -16.29
CA TYR A 521 -30.38 -0.26 -14.94
C TYR A 521 -31.89 -0.10 -14.80
N PRO A 522 -32.41 -0.21 -13.56
CA PRO A 522 -33.85 -0.06 -13.37
C PRO A 522 -34.37 1.37 -13.40
N ALA A 523 -35.60 1.54 -13.86
CA ALA A 523 -36.24 2.84 -13.86
C ALA A 523 -37.74 2.65 -13.77
N THR A 524 -38.42 3.67 -13.31
CA THR A 524 -39.86 3.71 -13.30
C THR A 524 -40.35 4.48 -14.53
N VAL A 525 -41.31 3.88 -15.22
CA VAL A 525 -41.81 4.42 -16.49
C VAL A 525 -43.35 4.44 -16.47
N ASN A 526 -43.93 5.57 -16.87
CA ASN A 526 -45.36 5.71 -17.04
C ASN A 526 -45.73 5.35 -18.48
N LEU A 527 -46.73 4.49 -18.65
CA LEU A 527 -47.19 4.05 -19.97
C LEU A 527 -48.68 4.30 -20.12
N THR A 528 -49.11 4.52 -21.36
CA THR A 528 -50.54 4.56 -21.71
C THR A 528 -50.75 3.68 -22.94
N SER A 529 -51.88 2.97 -23.00
CA SER A 529 -52.23 2.17 -24.15
C SER A 529 -53.26 2.82 -25.04
N TYR A 530 -53.36 2.31 -26.27
CA TYR A 530 -54.52 2.53 -27.08
C TYR A 530 -55.74 1.82 -26.53
N ASN A 531 -56.91 2.17 -27.06
CA ASN A 531 -58.21 1.66 -26.56
C ASN A 531 -58.53 0.22 -26.97
N THR A 532 -57.89 -0.24 -28.02
CA THR A 532 -58.34 -1.43 -28.74
C THR A 532 -58.37 -2.68 -27.84
N GLN A 533 -59.44 -3.46 -27.97
CA GLN A 533 -59.52 -4.78 -27.38
C GLN A 533 -58.56 -5.72 -28.09
N GLY A 534 -57.96 -6.62 -27.32
CA GLY A 534 -57.04 -7.61 -27.83
C GLY A 534 -55.60 -7.15 -27.71
N ALA A 535 -54.74 -7.60 -28.62
CA ALA A 535 -53.34 -7.20 -28.62
C ALA A 535 -53.29 -5.68 -28.86
N VAL A 536 -52.60 -4.96 -27.97
CA VAL A 536 -52.71 -3.51 -27.94
C VAL A 536 -51.39 -2.91 -27.49
N PRO A 537 -50.96 -1.81 -28.15
CA PRO A 537 -49.69 -1.22 -27.79
C PRO A 537 -49.79 -0.34 -26.57
N PHE A 538 -48.72 -0.35 -25.79
CA PHE A 538 -48.49 0.58 -24.70
C PHE A 538 -47.25 1.42 -25.04
N PHE A 539 -47.32 2.70 -24.74
CA PHE A 539 -46.29 3.68 -25.06
C PHE A 539 -45.90 4.49 -23.82
N SER A 540 -44.62 4.80 -23.67
CA SER A 540 -44.21 5.62 -22.54
C SER A 540 -44.70 7.05 -22.78
N THR A 541 -45.07 7.71 -21.68
CA THR A 541 -45.44 9.10 -21.76
C THR A 541 -44.21 9.97 -22.04
N ASP A 542 -43.10 9.65 -21.39
CA ASP A 542 -41.86 10.41 -21.61
C ASP A 542 -41.13 9.93 -22.84
N THR A 543 -40.31 10.82 -23.39
CA THR A 543 -39.62 10.58 -24.65
C THR A 543 -38.10 10.57 -24.49
N ASN A 544 -37.61 10.09 -23.34
CA ASN A 544 -36.17 10.07 -23.03
C ASN A 544 -35.54 8.68 -23.15
N TYR A 545 -36.07 7.85 -24.06
CA TYR A 545 -35.62 6.46 -24.17
C TYR A 545 -35.16 6.09 -25.59
N ALA A 546 -34.70 7.08 -26.34
CA ALA A 546 -34.20 6.84 -27.70
C ALA A 546 -32.97 5.92 -27.72
N TRP A 547 -32.31 5.76 -26.59
CA TRP A 547 -31.08 4.97 -26.46
C TRP A 547 -31.34 3.53 -26.02
N VAL A 548 -32.58 3.23 -25.67
CA VAL A 548 -32.94 1.92 -25.10
C VAL A 548 -33.16 0.90 -26.20
N THR A 549 -32.48 -0.23 -26.10
CA THR A 549 -32.60 -1.30 -27.09
C THR A 549 -33.67 -2.32 -26.70
N SER A 550 -33.81 -2.52 -25.39
CA SER A 550 -34.94 -3.32 -24.87
C SER A 550 -35.19 -2.97 -23.42
N ALA A 551 -36.39 -3.25 -22.95
CA ALA A 551 -36.70 -3.13 -21.54
C ALA A 551 -37.65 -4.24 -21.16
N TYR A 552 -37.64 -4.64 -19.89
CA TYR A 552 -38.60 -5.62 -19.44
C TYR A 552 -39.13 -5.32 -18.05
N SER A 553 -40.32 -5.84 -17.80
CA SER A 553 -41.04 -5.62 -16.52
C SER A 553 -40.33 -6.18 -15.31
N LEU A 554 -40.23 -5.33 -14.27
CA LEU A 554 -39.81 -5.73 -12.93
C LEU A 554 -40.96 -5.58 -11.91
N SER A 555 -42.19 -5.38 -12.41
CA SER A 555 -43.40 -5.17 -11.62
C SER A 555 -44.43 -6.23 -11.85
N ILE A 556 -45.25 -6.51 -10.83
CA ILE A 556 -46.41 -7.38 -11.05
C ILE A 556 -47.55 -6.57 -11.65
N ASN A 557 -48.48 -7.27 -12.28
CA ASN A 557 -49.67 -6.66 -12.85
C ASN A 557 -50.85 -6.98 -11.95
N GLU A 558 -51.37 -5.97 -11.26
CA GLU A 558 -52.51 -6.17 -10.35
C GLU A 558 -53.87 -6.29 -11.04
N ASN A 559 -53.88 -6.14 -12.35
CA ASN A 559 -55.12 -6.12 -13.12
C ASN A 559 -55.54 -7.48 -13.61
N LEU A 560 -56.84 -7.67 -13.76
CA LEU A 560 -57.40 -8.86 -14.42
C LEU A 560 -57.73 -8.60 -15.88
N ASP A 561 -58.24 -7.39 -16.19
CA ASP A 561 -58.84 -7.10 -17.51
C ASP A 561 -57.82 -6.77 -18.59
N PHE A 562 -56.57 -6.58 -18.20
CA PHE A 562 -55.51 -6.31 -19.16
C PHE A 562 -54.17 -6.64 -18.55
N SER A 563 -53.17 -6.64 -19.43
CA SER A 563 -51.79 -6.76 -19.02
C SER A 563 -50.93 -5.83 -19.90
N PRO A 564 -49.98 -5.12 -19.28
CA PRO A 564 -49.02 -4.39 -20.06
C PRO A 564 -48.02 -5.37 -20.69
N PRO A 565 -47.21 -4.87 -21.62
CA PRO A 565 -46.21 -5.71 -22.25
C PRO A 565 -45.20 -6.23 -21.23
N ALA A 566 -44.72 -7.45 -21.41
CA ALA A 566 -43.62 -7.95 -20.63
C ALA A 566 -42.31 -7.26 -21.04
N THR A 567 -42.21 -6.94 -22.32
CA THR A 567 -40.97 -6.39 -22.91
C THR A 567 -41.28 -5.27 -23.89
N TYR A 568 -40.29 -4.38 -24.04
CA TYR A 568 -40.46 -3.17 -24.82
C TYR A 568 -39.24 -2.93 -25.69
N THR A 569 -39.47 -2.25 -26.80
CA THR A 569 -38.40 -1.64 -27.55
C THR A 569 -38.66 -0.15 -27.58
N ASN A 570 -37.96 0.59 -28.43
CA ASN A 570 -38.22 2.00 -28.53
C ASN A 570 -38.69 2.42 -29.92
N LYS A 571 -38.93 3.72 -30.04
CA LYS A 571 -39.30 4.40 -31.27
C LYS A 571 -38.38 5.59 -31.47
N ALA A 572 -38.38 6.10 -32.69
CA ALA A 572 -37.54 7.24 -33.07
C ALA A 572 -37.69 8.45 -32.19
N ASN A 573 -38.88 8.68 -31.68
CA ASN A 573 -39.15 9.88 -30.88
C ASN A 573 -38.75 9.74 -29.42
N GLY A 574 -38.20 8.58 -29.05
CA GLY A 574 -37.72 8.35 -27.70
C GLY A 574 -38.73 7.70 -26.78
N GLN A 575 -39.92 7.36 -27.29
CA GLN A 575 -40.84 6.55 -26.53
C GLN A 575 -40.43 5.09 -26.48
N LEU A 576 -40.75 4.42 -25.38
CA LEU A 576 -40.81 2.96 -25.34
C LEU A 576 -42.15 2.53 -25.90
N VAL A 577 -42.15 1.33 -26.50
CA VAL A 577 -43.37 0.72 -27.04
C VAL A 577 -43.30 -0.79 -26.86
N GLY A 578 -44.44 -1.38 -26.48
CA GLY A 578 -44.54 -2.82 -26.45
C GLY A 578 -45.97 -3.24 -26.66
N VAL A 579 -46.19 -4.54 -26.89
CA VAL A 579 -47.54 -5.07 -27.16
C VAL A 579 -48.04 -5.85 -25.93
N GLY A 580 -49.10 -5.30 -25.32
CA GLY A 580 -49.81 -5.94 -24.22
C GLY A 580 -51.12 -6.50 -24.70
N TYR A 581 -52.02 -6.78 -23.76
CA TYR A 581 -53.27 -7.44 -24.11
C TYR A 581 -54.43 -6.89 -23.29
N ASN A 582 -55.45 -6.36 -23.98
CA ASN A 582 -56.68 -5.85 -23.38
C ASN A 582 -57.75 -6.96 -23.49
N GLU A 583 -58.07 -7.64 -22.39
CA GLU A 583 -59.12 -8.66 -22.43
C GLU A 583 -60.43 -7.95 -22.78
N ILE A 584 -60.61 -6.79 -22.15
CA ILE A 584 -61.66 -5.84 -22.46
C ILE A 584 -60.97 -4.58 -22.92
N GLY A 585 -61.59 -3.87 -23.85
CA GLY A 585 -61.02 -2.63 -24.35
C GLY A 585 -61.00 -1.53 -23.33
N GLY A 586 -60.30 -0.47 -23.70
CA GLY A 586 -60.14 0.72 -22.88
C GLY A 586 -58.71 1.23 -22.88
N VAL A 587 -58.57 2.56 -22.86
CA VAL A 587 -57.27 3.20 -22.63
C VAL A 587 -56.79 2.84 -21.24
N ARG A 588 -55.55 2.34 -21.16
CA ARG A 588 -54.92 1.98 -19.89
C ARG A 588 -53.78 2.92 -19.58
N SER A 589 -53.55 3.16 -18.28
CA SER A 589 -52.47 4.00 -17.80
C SER A 589 -51.85 3.33 -16.59
N VAL A 590 -50.56 3.02 -16.68
CA VAL A 590 -49.87 2.27 -15.63
C VAL A 590 -48.49 2.90 -15.39
N SER A 591 -47.97 2.67 -14.20
CA SER A 591 -46.61 3.04 -13.83
C SER A 591 -45.92 1.74 -13.48
N VAL A 592 -44.82 1.45 -14.18
CA VAL A 592 -44.15 0.15 -14.11
C VAL A 592 -42.66 0.35 -13.83
N ARG A 593 -42.09 -0.56 -13.07
CA ARG A 593 -40.65 -0.62 -12.84
C ARG A 593 -40.11 -1.48 -13.98
N LEU A 594 -39.16 -0.95 -14.77
CA LEU A 594 -38.56 -1.65 -15.90
C LEU A 594 -37.07 -1.75 -15.72
N MET A 595 -36.48 -2.83 -16.25
CA MET A 595 -35.04 -2.89 -16.47
C MET A 595 -34.80 -2.32 -17.86
N LEU A 596 -34.15 -1.17 -17.90
CA LEU A 596 -33.78 -0.53 -19.17
C LEU A 596 -32.47 -1.14 -19.61
N GLN A 597 -32.38 -1.54 -20.87
CA GLN A 597 -31.19 -2.15 -21.43
C GLN A 597 -30.76 -1.48 -22.71
N ARG A 598 -29.46 -1.29 -22.83
CA ARG A 598 -28.86 -0.80 -24.05
C ARG A 598 -27.70 -1.69 -24.47
N GLN A 599 -27.95 -2.44 -25.54
CA GLN A 599 -26.97 -3.30 -26.20
C GLN A 599 -26.53 -4.49 -25.38
N VAL A 600 -27.28 -4.75 -24.31
CA VAL A 600 -27.05 -5.88 -23.40
C VAL A 600 -28.35 -6.61 -23.16
C1 NAG B . 6.46 9.11 0.79
C2 NAG B . 7.98 8.95 0.79
C3 NAG B . 8.52 9.78 -0.36
C4 NAG B . 7.86 9.32 -1.66
C5 NAG B . 6.33 9.32 -1.56
C6 NAG B . 5.70 8.61 -2.75
C7 NAG B . 9.29 8.57 2.83
C8 NAG B . 9.66 9.09 4.18
N2 NAG B . 8.48 9.35 2.10
O1 NAG B . 5.83 8.33 1.75
O3 NAG B . 9.94 9.68 -0.45
O4 NAG B . 8.26 10.09 -2.78
O5 NAG B . 5.86 8.68 -0.39
O6 NAG B . 4.38 9.11 -2.95
O7 NAG B . 9.76 7.49 2.43
C1 GLA B . 10.58 10.88 -0.84
C2 GLA B . 11.93 10.49 -1.45
C3 GLA B . 12.87 9.96 -0.36
C4 GLA B . 12.94 10.91 0.84
C5 GLA B . 11.50 11.14 1.36
C6 GLA B . 11.38 12.08 2.56
O2 GLA B . 11.76 9.61 -2.54
O3 GLA B . 14.16 9.77 -0.93
O4 GLA B . 13.47 12.10 0.59
O5 GLA B . 10.64 11.65 0.36
O6 GLA B . 12.11 11.57 3.64
C1 GLC B . 14.49 12.53 1.49
C2 GLC B . 14.82 14.01 1.29
C3 GLC B . 15.59 14.22 -0.04
C4 GLC B . 16.78 13.28 -0.10
C5 GLC B . 16.32 11.83 0.14
C6 GLC B . 17.43 10.80 0.21
O2 GLC B . 13.63 14.77 1.32
O3 GLC B . 15.99 15.57 -0.15
O4 GLC B . 17.44 13.42 -1.35
O5 GLC B . 15.65 11.76 1.40
O6 GLC B . 18.43 11.15 1.06
C1 RAM B . 19.71 11.37 0.52
C2 RAM B . 20.59 11.90 1.66
C3 RAM B . 20.95 10.82 2.67
C4 RAM B . 21.43 9.57 1.95
C5 RAM B . 20.39 9.12 0.90
C6 RAM B . 20.84 7.89 0.12
O2 RAM B . 21.76 12.43 1.12
O3 RAM B . 21.94 11.30 3.55
O4 RAM B . 21.66 8.57 2.91
O5 RAM B . 20.20 10.15 -0.05
C1 NAG B . 14.53 8.50 -1.23
C2 NAG B . 15.64 8.50 -2.27
C3 NAG B . 16.28 7.11 -2.44
C4 NAG B . 16.46 6.39 -1.11
C5 NAG B . 15.21 6.48 -0.24
C6 NAG B . 15.41 5.78 1.11
C7 NAG B . 15.47 10.06 -4.16
C8 NAG B . 14.76 10.34 -5.46
N2 NAG B . 15.10 8.96 -3.54
O3 NAG B . 17.53 7.26 -3.07
O4 NAG B . 16.77 5.04 -1.42
O5 NAG B . 14.90 7.85 -0.02
O6 NAG B . 16.38 6.44 1.90
O7 NAG B . 16.33 10.81 -3.71
C1 GLC B . 4.21 10.13 -3.82
C2 GLC B . 2.79 10.68 -3.84
C3 GLC B . 1.87 9.58 -4.37
C4 GLC B . 2.37 9.15 -5.76
C5 GLC B . 3.86 8.81 -5.75
C6 GLC B . 4.38 8.50 -7.16
O2 GLC B . 2.39 11.07 -2.55
O3 GLC B . 0.54 10.05 -4.42
O4 GLC B . 1.61 8.04 -6.18
O5 GLC B . 4.59 9.87 -5.14
O6 GLC B . 4.22 9.64 -7.96
NA NA C . -14.19 15.67 -19.83
NA NA D . 23.66 12.74 2.62
C TRS E . -11.20 2.16 -28.79
C1 TRS E . -11.12 3.14 -29.98
C2 TRS E . -9.76 1.74 -28.42
C3 TRS E . -11.87 2.86 -27.60
N TRS E . -12.00 0.97 -29.13
O1 TRS E . -12.40 3.47 -30.54
O2 TRS E . -9.71 0.86 -27.29
O3 TRS E . -11.23 4.06 -27.17
#